data_4Z0R
#
_entry.id   4Z0R
#
_cell.length_a   126.659
_cell.length_b   126.659
_cell.length_c   63.271
_cell.angle_alpha   90.000
_cell.angle_beta   90.000
_cell.angle_gamma   120.000
#
_symmetry.space_group_name_H-M   'H 3'
#
loop_
_entity.id
_entity.type
_entity.pdbx_description
1 polymer 'Zinc finger CW-type PWWP domain protein 2'
2 polymer 'Histone H3.1'
3 non-polymer 'ZINC ION'
4 non-polymer 'SULFATE ION'
5 non-polymer 'UNKNOWN ATOM OR ION'
6 non-polymer 1,2-ETHANEDIOL
7 water water
#
loop_
_entity_poly.entity_id
_entity_poly.type
_entity_poly.pdbx_seq_one_letter_code
_entity_poly.pdbx_strand_id
1 'polypeptide(L)' GVENMYVNKVWVQCENENCLKWRLLSSEDSAKVDHDEPWYCFMNTDSRYNNCSISEEDR A,B,C
2 'polypeptide(L)' ART(M3L)QTARKSTGGKA(NH2) D
#
loop_
_chem_comp.id
_chem_comp.type
_chem_comp.name
_chem_comp.formula
EDO non-polymer 1,2-ETHANEDIOL 'C2 H6 O2'
NH2 non-polymer 'AMINO GROUP' 'H2 N'
SO4 non-polymer 'SULFATE ION' 'O4 S -2'
UNX non-polymer 'UNKNOWN ATOM OR ION' ?
ZN non-polymer 'ZINC ION' 'Zn 2'
#
# COMPACT_ATOMS: atom_id res chain seq x y z
N GLU A 3 -12.97 6.09 -20.38
N GLU A 3 -15.05 6.78 -18.47
CA GLU A 3 -13.71 6.27 -19.08
CA GLU A 3 -13.76 6.27 -19.03
C GLU A 3 -12.83 5.83 -17.88
N ASN A 4 -12.36 6.78 -17.08
CA ASN A 4 -11.41 6.53 -15.98
C ASN A 4 -12.12 5.80 -14.86
N MET A 5 -11.53 4.69 -14.45
CA MET A 5 -12.06 3.83 -13.40
C MET A 5 -11.38 4.04 -12.04
N TYR A 6 -10.38 4.93 -12.02
CA TYR A 6 -9.72 5.41 -10.81
C TYR A 6 -9.19 4.20 -10.05
N VAL A 7 -8.35 3.43 -10.74
CA VAL A 7 -7.76 2.19 -10.18
C VAL A 7 -6.35 2.48 -9.66
N ASN A 8 -6.10 2.13 -8.40
CA ASN A 8 -4.77 2.31 -7.80
C ASN A 8 -3.67 1.54 -8.54
N LYS A 9 -2.43 2.01 -8.42
CA LYS A 9 -1.22 1.31 -8.96
C LYS A 9 -0.66 0.61 -7.73
N VAL A 10 -0.68 -0.70 -7.73
CA VAL A 10 -0.30 -1.42 -6.50
C VAL A 10 0.99 -2.26 -6.67
N TRP A 11 1.66 -2.43 -5.54
CA TRP A 11 2.79 -3.35 -5.41
C TRP A 11 2.32 -4.76 -5.08
N VAL A 12 2.85 -5.73 -5.84
CA VAL A 12 2.62 -7.14 -5.61
CA VAL A 12 2.62 -7.13 -5.60
C VAL A 12 3.98 -7.85 -5.53
N GLN A 13 4.07 -8.84 -4.66
CA GLN A 13 5.26 -9.67 -4.55
C GLN A 13 5.15 -10.97 -5.33
N CYS A 14 6.21 -11.27 -6.09
CA CYS A 14 6.30 -12.48 -6.87
C CYS A 14 6.30 -13.66 -5.88
N GLU A 15 5.63 -14.71 -6.24
CA GLU A 15 5.57 -15.88 -5.37
C GLU A 15 6.43 -17.03 -5.80
N ASN A 16 7.26 -16.84 -6.84
CA ASN A 16 8.38 -17.78 -7.10
C ASN A 16 9.35 -17.65 -5.92
N GLU A 17 9.50 -18.74 -5.16
CA GLU A 17 10.33 -18.73 -3.95
C GLU A 17 11.80 -18.46 -4.26
N ASN A 18 12.24 -18.65 -5.49
CA ASN A 18 13.61 -18.27 -5.90
C ASN A 18 13.74 -16.77 -6.15
N CYS A 19 12.63 -16.05 -6.27
CA CYS A 19 12.66 -14.64 -6.70
C CYS A 19 12.18 -13.70 -5.60
N LEU A 20 10.89 -13.77 -5.27
CA LEU A 20 10.29 -12.94 -4.20
C LEU A 20 10.43 -11.42 -4.42
N LYS A 21 10.61 -10.98 -5.66
CA LYS A 21 10.75 -9.55 -5.93
C LYS A 21 9.38 -8.86 -5.94
N TRP A 22 9.40 -7.59 -5.59
CA TRP A 22 8.19 -6.76 -5.58
C TRP A 22 8.08 -6.01 -6.89
N ARG A 23 6.85 -5.91 -7.43
CA ARG A 23 6.57 -5.31 -8.74
C ARG A 23 5.43 -4.33 -8.61
N LEU A 24 5.60 -3.16 -9.24
CA LEU A 24 4.57 -2.10 -9.19
C LEU A 24 3.79 -2.20 -10.49
N LEU A 25 2.50 -2.44 -10.34
CA LEU A 25 1.64 -2.71 -11.51
C LEU A 25 0.95 -1.45 -12.03
N SER A 26 0.67 -1.48 -13.30
CA SER A 26 -0.21 -0.46 -13.90
C SER A 26 -1.57 -0.52 -13.28
N SER A 27 -2.33 0.55 -13.46
CA SER A 27 -3.72 0.58 -13.03
C SER A 27 -4.51 -0.59 -13.63
N GLU A 28 -4.34 -0.83 -14.92
CA GLU A 28 -5.03 -1.90 -15.57
C GLU A 28 -4.65 -3.27 -15.03
N ASP A 29 -3.36 -3.53 -14.86
CA ASP A 29 -3.00 -4.84 -14.33
C ASP A 29 -3.44 -4.99 -12.85
N SER A 30 -3.45 -3.88 -12.11
CA SER A 30 -3.85 -3.92 -10.73
C SER A 30 -5.35 -4.37 -10.63
N ALA A 31 -6.17 -3.86 -11.51
CA ALA A 31 -7.60 -4.24 -11.55
C ALA A 31 -7.77 -5.74 -11.90
N LYS A 32 -6.87 -6.27 -12.78
CA LYS A 32 -6.97 -7.64 -13.28
C LYS A 32 -6.44 -8.73 -12.40
N VAL A 33 -5.64 -8.41 -11.41
CA VAL A 33 -5.01 -9.43 -10.56
C VAL A 33 -6.12 -10.28 -9.92
N ASP A 34 -5.99 -11.59 -10.08
CA ASP A 34 -6.81 -12.55 -9.39
C ASP A 34 -6.15 -12.90 -8.05
N HIS A 35 -6.70 -12.34 -6.98
CA HIS A 35 -6.16 -12.53 -5.63
C HIS A 35 -6.37 -13.94 -5.06
N ASP A 36 -7.10 -14.82 -5.75
CA ASP A 36 -7.20 -16.22 -5.35
C ASP A 36 -6.17 -17.13 -6.04
N GLU A 37 -5.30 -16.56 -6.87
CA GLU A 37 -4.27 -17.34 -7.57
C GLU A 37 -2.89 -16.75 -7.26
N PRO A 38 -1.84 -17.56 -7.35
CA PRO A 38 -0.48 -17.03 -7.22
C PRO A 38 -0.15 -16.00 -8.29
N TRP A 39 0.70 -15.03 -7.93
CA TRP A 39 1.13 -14.01 -8.87
C TRP A 39 2.64 -14.17 -9.02
N TYR A 40 3.09 -14.09 -10.26
CA TYR A 40 4.53 -14.24 -10.63
C TYR A 40 4.95 -13.13 -11.59
N CYS A 41 6.25 -12.81 -11.62
CA CYS A 41 6.76 -11.69 -12.44
C CYS A 41 6.29 -11.67 -13.90
N PHE A 42 6.16 -12.86 -14.49
CA PHE A 42 5.83 -12.95 -15.92
C PHE A 42 4.41 -12.52 -16.22
N MET A 43 3.61 -12.38 -15.18
CA MET A 43 2.20 -11.93 -15.31
C MET A 43 2.10 -10.44 -15.39
N ASN A 44 3.19 -9.73 -15.11
CA ASN A 44 3.25 -8.30 -15.24
C ASN A 44 3.31 -7.94 -16.73
N THR A 45 2.41 -7.10 -17.21
CA THR A 45 2.50 -6.74 -18.65
C THR A 45 3.48 -5.57 -18.90
N ASP A 46 4.08 -5.00 -17.83
CA ASP A 46 5.12 -3.96 -17.90
C ASP A 46 6.44 -4.67 -18.40
N SER A 47 6.77 -4.49 -19.68
CA SER A 47 7.91 -5.20 -20.27
C SER A 47 9.27 -4.89 -19.60
N ARG A 48 9.37 -3.78 -18.86
CA ARG A 48 10.60 -3.39 -18.17
C ARG A 48 10.83 -4.29 -16.96
N TYR A 49 9.79 -4.87 -16.35
CA TYR A 49 9.96 -5.59 -15.04
C TYR A 49 9.18 -6.89 -14.99
N ASN A 50 9.08 -7.59 -16.11
CA ASN A 50 8.16 -8.75 -16.29
C ASN A 50 8.84 -10.09 -16.31
N ASN A 51 9.96 -10.20 -15.57
CA ASN A 51 10.67 -11.48 -15.51
C ASN A 51 11.44 -11.55 -14.19
N CYS A 52 11.48 -12.72 -13.57
CA CYS A 52 12.15 -12.91 -12.29
C CYS A 52 13.66 -12.56 -12.36
N SER A 53 14.24 -12.61 -13.58
CA SER A 53 15.66 -12.32 -13.76
C SER A 53 15.94 -10.82 -13.78
N ILE A 54 14.90 -9.97 -13.80
CA ILE A 54 15.08 -8.54 -13.80
C ILE A 54 15.08 -7.97 -12.39
N SER A 55 16.01 -7.06 -12.14
CA SER A 55 16.11 -6.39 -10.85
CA SER A 55 16.11 -6.41 -10.84
C SER A 55 14.82 -5.67 -10.43
N GLU A 56 14.64 -5.49 -9.14
CA GLU A 56 13.48 -4.73 -8.62
C GLU A 56 13.63 -3.25 -8.93
N GLU A 57 12.54 -2.64 -9.33
CA GLU A 57 12.48 -1.21 -9.58
C GLU A 57 12.80 -0.42 -8.29
N ASP A 58 13.44 0.71 -8.41
CA ASP A 58 13.58 1.65 -7.28
C ASP A 58 12.29 2.47 -7.10
N ARG A 59 11.95 2.88 -5.87
N ARG A 59 12.04 2.84 -5.83
CA ARG A 59 10.69 3.67 -5.68
CA ARG A 59 10.98 3.77 -5.47
C ARG A 59 10.74 5.05 -6.38
C ARG A 59 11.28 4.27 -4.05
CA GLU B 3 0.15 -27.87 18.64
C GLU B 3 -0.19 -26.38 18.74
N ASN B 4 -1.18 -26.04 19.55
CA ASN B 4 -1.54 -24.63 19.82
C ASN B 4 -0.51 -23.94 20.74
N MET B 5 -0.03 -22.76 20.31
CA MET B 5 1.04 -22.06 21.02
C MET B 5 0.57 -20.91 21.92
N TYR B 6 -0.72 -20.55 21.85
CA TYR B 6 -1.33 -19.54 22.72
C TYR B 6 -0.61 -18.18 22.65
N VAL B 7 -0.30 -17.77 21.43
CA VAL B 7 0.40 -16.51 21.21
C VAL B 7 -0.63 -15.39 21.11
N ASN B 8 -0.38 -14.28 21.82
CA ASN B 8 -1.21 -13.08 21.70
C ASN B 8 -0.86 -12.23 20.50
N LYS B 9 -1.88 -11.52 19.96
CA LYS B 9 -1.69 -10.65 18.86
C LYS B 9 -1.07 -9.38 19.46
N VAL B 10 -0.19 -8.73 18.73
CA VAL B 10 0.28 -7.38 19.14
C VAL B 10 -0.07 -6.37 18.06
N TRP B 11 -0.09 -5.11 18.48
CA TRP B 11 0.00 -3.97 17.56
C TRP B 11 1.48 -3.63 17.33
N VAL B 12 1.84 -3.42 16.08
CA VAL B 12 3.19 -2.97 15.70
C VAL B 12 3.09 -1.69 14.89
N GLN B 13 4.06 -0.78 15.09
CA GLN B 13 4.07 0.49 14.41
C GLN B 13 4.96 0.42 13.14
N CYS B 14 4.45 0.92 12.07
CA CYS B 14 5.20 1.06 10.80
C CYS B 14 6.23 2.17 11.00
N GLU B 15 7.49 1.93 10.59
CA GLU B 15 8.58 2.89 10.74
C GLU B 15 8.87 3.72 9.47
N ASN B 16 8.03 3.61 8.45
CA ASN B 16 8.01 4.60 7.33
C ASN B 16 7.55 5.93 7.93
N GLU B 17 8.44 6.92 7.92
CA GLU B 17 8.18 8.23 8.56
C GLU B 17 6.97 8.94 7.92
N ASN B 18 6.62 8.54 6.68
CA ASN B 18 5.39 9.02 6.01
C ASN B 18 4.10 8.37 6.49
N CYS B 19 4.23 7.27 7.24
CA CYS B 19 3.09 6.44 7.57
C CYS B 19 2.80 6.43 9.07
N LEU B 20 3.67 5.75 9.83
CA LEU B 20 3.59 5.65 11.31
C LEU B 20 2.29 5.00 11.81
N LYS B 21 1.62 4.23 10.94
CA LYS B 21 0.38 3.54 11.31
C LYS B 21 0.63 2.31 12.19
N TRP B 22 -0.33 1.99 13.06
CA TRP B 22 -0.34 0.78 13.85
C TRP B 22 -1.13 -0.34 13.19
N ARG B 23 -0.52 -1.54 13.15
CA ARG B 23 -1.07 -2.75 12.52
C ARG B 23 -1.24 -3.85 13.50
N LEU B 24 -2.39 -4.53 13.43
CA LEU B 24 -2.69 -5.60 14.38
C LEU B 24 -2.28 -6.93 13.79
N LEU B 25 -1.24 -7.57 14.33
CA LEU B 25 -0.66 -8.72 13.68
C LEU B 25 -1.40 -9.96 14.11
N SER B 26 -1.44 -10.95 13.24
CA SER B 26 -1.90 -12.27 13.63
C SER B 26 -1.02 -12.86 14.77
N SER B 27 -1.50 -13.92 15.41
CA SER B 27 -0.68 -14.68 16.38
C SER B 27 0.66 -15.12 15.80
N GLU B 28 0.66 -15.75 14.62
CA GLU B 28 1.85 -16.22 13.97
C GLU B 28 2.83 -15.07 13.66
N ASP B 29 2.35 -13.97 13.10
CA ASP B 29 3.24 -12.84 12.82
C ASP B 29 3.74 -12.15 14.12
N SER B 30 2.91 -12.15 15.17
CA SER B 30 3.29 -11.60 16.47
C SER B 30 4.48 -12.38 17.08
N ALA B 31 4.49 -13.71 16.96
CA ALA B 31 5.59 -14.53 17.45
C ALA B 31 6.85 -14.26 16.67
N LYS B 32 6.68 -13.99 15.37
CA LYS B 32 7.84 -13.85 14.47
C LYS B 32 8.49 -12.49 14.48
N VAL B 33 7.80 -11.47 14.97
CA VAL B 33 8.30 -10.09 14.94
CA VAL B 33 8.34 -10.15 14.82
C VAL B 33 9.67 -10.04 15.58
N ASP B 34 10.63 -9.42 14.91
CA ASP B 34 11.97 -9.20 15.49
C ASP B 34 11.95 -7.82 16.16
N HIS B 35 11.92 -7.84 17.50
CA HIS B 35 11.79 -6.61 18.26
C HIS B 35 13.00 -5.68 18.16
N ASP B 36 14.14 -6.21 17.70
CA ASP B 36 15.34 -5.40 17.59
C ASP B 36 15.58 -4.86 16.17
N GLU B 37 14.63 -5.09 15.27
CA GLU B 37 14.73 -4.59 13.89
C GLU B 37 13.53 -3.72 13.54
N PRO B 38 13.70 -2.86 12.50
CA PRO B 38 12.54 -2.10 12.04
C PRO B 38 11.40 -2.97 11.53
N TRP B 39 10.20 -2.39 11.55
CA TRP B 39 9.02 -3.04 10.97
C TRP B 39 8.30 -2.01 10.08
N TYR B 40 7.76 -2.50 8.96
CA TYR B 40 6.99 -1.68 7.96
C TYR B 40 5.79 -2.43 7.52
N CYS B 41 4.74 -1.69 7.15
CA CYS B 41 3.50 -2.32 6.72
C CYS B 41 3.64 -3.46 5.73
N PHE B 42 4.54 -3.37 4.78
CA PHE B 42 4.65 -4.45 3.76
C PHE B 42 5.04 -5.79 4.34
N MET B 43 5.56 -5.78 5.56
CA MET B 43 5.92 -7.01 6.26
C MET B 43 4.75 -7.76 6.90
N ASN B 44 3.61 -7.11 7.00
CA ASN B 44 2.38 -7.72 7.48
C ASN B 44 1.89 -8.79 6.47
N THR B 45 1.68 -10.05 6.91
CA THR B 45 1.07 -11.05 6.02
C THR B 45 -0.48 -10.90 5.92
N ASP B 46 -1.10 -10.00 6.72
CA ASP B 46 -2.51 -9.72 6.64
C ASP B 46 -2.74 -8.78 5.40
N SER B 47 -3.21 -9.39 4.31
CA SER B 47 -3.41 -8.70 3.03
C SER B 47 -4.42 -7.55 3.08
N ARG B 48 -5.19 -7.43 4.16
CA ARG B 48 -6.11 -6.32 4.31
CA ARG B 48 -6.15 -6.35 4.35
C ARG B 48 -5.47 -5.06 4.83
N TYR B 49 -4.27 -5.18 5.45
CA TYR B 49 -3.63 -4.02 6.07
C TYR B 49 -2.11 -4.06 5.89
N ASN B 50 -1.63 -4.44 4.71
CA ASN B 50 -0.22 -4.67 4.43
C ASN B 50 0.41 -3.63 3.49
N ASN B 51 -0.09 -2.40 3.55
CA ASN B 51 0.40 -1.30 2.70
C ASN B 51 0.24 0.02 3.43
N CYS B 52 1.24 0.88 3.33
CA CYS B 52 1.21 2.17 4.01
C CYS B 52 0.01 3.05 3.56
N SER B 53 -0.49 2.77 2.36
CA SER B 53 -1.68 3.53 1.80
C SER B 53 -3.01 3.14 2.45
N ILE B 54 -3.06 2.04 3.22
CA ILE B 54 -4.29 1.53 3.76
C ILE B 54 -4.50 2.13 5.12
N SER B 55 -5.75 2.54 5.40
CA SER B 55 -6.04 3.17 6.65
C SER B 55 -5.87 2.18 7.83
N GLU B 56 -5.64 2.72 9.00
CA GLU B 56 -5.51 1.92 10.20
C GLU B 56 -6.84 1.25 10.56
N GLU B 57 -6.75 0.02 11.07
CA GLU B 57 -7.85 -0.72 11.61
C GLU B 57 -8.34 -0.02 12.90
N ASP B 58 -9.66 0.10 13.06
CA ASP B 58 -10.22 0.63 14.30
C ASP B 58 -9.97 -0.35 15.43
N ARG B 59 -9.47 0.15 16.57
CA ARG B 59 -9.17 -0.66 17.75
C ARG B 59 -10.45 -1.22 18.36
N GLU C 3 15.32 3.37 0.64
N GLU C 3 15.01 0.55 2.00
CA GLU C 3 14.88 1.98 1.02
CA GLU C 3 14.85 1.78 1.15
C GLU C 3 13.40 1.84 0.60
N ASN C 4 13.04 0.84 -0.21
CA ASN C 4 11.69 0.79 -0.82
C ASN C 4 10.65 0.26 0.18
N MET C 5 9.64 1.08 0.46
CA MET C 5 8.56 0.73 1.38
C MET C 5 7.33 0.06 0.63
N TYR C 6 7.36 0.02 -0.71
CA TYR C 6 6.34 -0.70 -1.50
C TYR C 6 4.95 -0.11 -1.24
N VAL C 7 4.89 1.22 -1.31
CA VAL C 7 3.62 1.94 -1.05
C VAL C 7 2.85 2.19 -2.35
N ASN C 8 1.57 1.81 -2.32
CA ASN C 8 0.65 1.99 -3.47
C ASN C 8 0.43 3.49 -3.79
N LYS C 9 0.13 3.77 -5.06
CA LYS C 9 -0.25 5.11 -5.53
C LYS C 9 -1.75 5.08 -5.66
N VAL C 10 -2.42 5.84 -4.82
CA VAL C 10 -3.85 5.67 -4.68
C VAL C 10 -4.63 6.93 -5.15
N TRP C 11 -5.82 6.66 -5.60
CA TRP C 11 -6.78 7.72 -6.02
C TRP C 11 -7.58 8.19 -4.79
N VAL C 12 -7.71 9.52 -4.63
CA VAL C 12 -8.52 10.14 -3.61
CA VAL C 12 -8.52 10.16 -3.62
C VAL C 12 -9.40 11.19 -4.28
N GLN C 13 -10.60 11.35 -3.76
CA GLN C 13 -11.54 12.30 -4.34
C GLN C 13 -11.55 13.59 -3.54
N CYS C 14 -11.55 14.71 -4.26
CA CYS C 14 -11.64 16.02 -3.64
C CYS C 14 -13.08 16.14 -3.02
N GLU C 15 -13.15 16.70 -1.85
CA GLU C 15 -14.46 16.84 -1.15
C GLU C 15 -15.07 18.24 -1.29
N ASN C 16 -14.45 19.13 -2.09
CA ASN C 16 -15.10 20.38 -2.49
C ASN C 16 -16.28 20.01 -3.40
N GLU C 17 -17.49 20.30 -2.91
CA GLU C 17 -18.72 19.91 -3.64
CA GLU C 17 -18.71 19.91 -3.64
C GLU C 17 -18.80 20.55 -5.03
N ASN C 18 -18.12 21.67 -5.25
CA ASN C 18 -18.03 22.28 -6.58
C ASN C 18 -17.05 21.56 -7.53
N CYS C 19 -16.20 20.68 -7.00
CA CYS C 19 -15.10 20.09 -7.76
C CYS C 19 -15.31 18.59 -7.88
N LEU C 20 -15.19 17.88 -6.78
CA LEU C 20 -15.35 16.40 -6.77
C LEU C 20 -14.40 15.61 -7.70
N LYS C 21 -13.28 16.24 -8.11
CA LYS C 21 -12.33 15.57 -8.99
C LYS C 21 -11.53 14.48 -8.22
N TRP C 22 -11.13 13.46 -8.96
CA TRP C 22 -10.29 12.36 -8.45
C TRP C 22 -8.82 12.69 -8.79
N ARG C 23 -7.96 12.45 -7.80
CA ARG C 23 -6.54 12.71 -7.93
C ARG C 23 -5.70 11.48 -7.52
N LEU C 24 -4.64 11.23 -8.28
CA LEU C 24 -3.79 10.06 -8.04
C LEU C 24 -2.57 10.53 -7.31
N LEU C 25 -2.38 10.02 -6.09
CA LEU C 25 -1.37 10.49 -5.20
C LEU C 25 -0.04 9.70 -5.42
N SER C 26 1.05 10.40 -5.19
CA SER C 26 2.40 9.77 -5.11
C SER C 26 2.37 8.71 -3.99
N SER C 27 3.43 7.90 -3.96
CA SER C 27 3.51 6.92 -2.92
C SER C 27 3.65 7.63 -1.56
N GLU C 28 4.45 8.68 -1.57
CA GLU C 28 4.61 9.49 -0.37
C GLU C 28 3.31 10.08 0.16
N ASP C 29 2.54 10.72 -0.71
CA ASP C 29 1.28 11.28 -0.29
C ASP C 29 0.25 10.24 0.09
N SER C 30 0.29 9.09 -0.57
CA SER C 30 -0.66 8.02 -0.27
C SER C 30 -0.44 7.48 1.16
N ALA C 31 0.82 7.45 1.61
CA ALA C 31 1.16 7.01 2.98
C ALA C 31 0.73 8.06 3.98
N LYS C 32 0.86 9.36 3.60
CA LYS C 32 0.61 10.51 4.47
C LYS C 32 -0.81 10.86 4.67
N VAL C 33 -1.68 10.53 3.72
CA VAL C 33 -3.05 10.99 3.82
CA VAL C 33 -3.12 10.88 3.81
C VAL C 33 -3.71 10.48 5.14
N ASP C 34 -4.39 11.40 5.79
CA ASP C 34 -5.11 11.13 7.02
C ASP C 34 -6.55 10.84 6.61
N HIS C 35 -6.88 9.57 6.75
CA HIS C 35 -8.20 9.05 6.38
C HIS C 35 -9.33 9.49 7.36
N ASP C 36 -9.00 10.15 8.46
CA ASP C 36 -10.05 10.73 9.35
C ASP C 36 -10.33 12.21 9.11
N GLU C 37 -9.85 12.76 7.98
CA GLU C 37 -9.96 14.16 7.75
C GLU C 37 -10.39 14.37 6.30
N PRO C 38 -11.09 15.46 6.05
CA PRO C 38 -11.41 15.79 4.64
C PRO C 38 -10.16 15.93 3.79
N TRP C 39 -10.29 15.63 2.48
CA TRP C 39 -9.24 15.79 1.54
C TRP C 39 -9.72 16.67 0.37
N TYR C 40 -8.86 17.62 -0.02
CA TYR C 40 -9.15 18.58 -1.10
C TYR C 40 -7.94 18.69 -2.02
N CYS C 41 -8.20 19.07 -3.26
CA CYS C 41 -7.15 19.15 -4.27
C CYS C 41 -5.92 19.91 -3.84
N PHE C 42 -6.08 21.00 -3.10
CA PHE C 42 -4.91 21.83 -2.71
C PHE C 42 -3.92 21.11 -1.80
N MET C 43 -4.36 19.96 -1.26
CA MET C 43 -3.56 19.13 -0.35
C MET C 43 -2.64 18.17 -1.12
N ASN C 44 -2.81 18.07 -2.44
CA ASN C 44 -2.04 17.17 -3.28
C ASN C 44 -0.65 17.86 -3.43
N THR C 45 0.45 17.16 -3.16
CA THR C 45 1.78 17.77 -3.41
C THR C 45 2.21 17.63 -4.89
N ASP C 46 1.47 16.87 -5.73
CA ASP C 46 1.69 16.83 -7.18
C ASP C 46 1.28 18.16 -7.82
N SER C 47 2.25 19.02 -8.10
CA SER C 47 1.91 20.35 -8.63
C SER C 47 1.27 20.36 -10.02
N ARG C 48 1.15 19.21 -10.66
CA ARG C 48 0.45 19.15 -11.92
C ARG C 48 -1.07 19.08 -11.70
N TYR C 49 -1.51 18.62 -10.51
CA TYR C 49 -2.92 18.31 -10.33
C TYR C 49 -3.40 18.75 -8.95
N ASN C 50 -2.95 19.90 -8.50
CA ASN C 50 -3.11 20.29 -7.11
C ASN C 50 -4.03 21.52 -6.89
N ASN C 51 -5.00 21.69 -7.75
CA ASN C 51 -5.98 22.77 -7.64
C ASN C 51 -7.31 22.32 -8.19
N CYS C 52 -8.45 22.71 -7.59
CA CYS C 52 -9.76 22.32 -8.15
C CYS C 52 -10.03 22.87 -9.57
N SER C 53 -9.26 23.89 -10.00
CA SER C 53 -9.39 24.44 -11.37
C SER C 53 -8.68 23.56 -12.43
N ILE C 54 -7.94 22.52 -12.04
CA ILE C 54 -7.17 21.71 -12.96
C ILE C 54 -7.92 20.42 -13.33
N SER C 55 -8.01 20.12 -14.63
CA SER C 55 -8.64 18.90 -15.14
CA SER C 55 -8.69 18.90 -15.10
C SER C 55 -8.13 17.62 -14.43
N GLU C 56 -8.98 16.64 -14.30
CA GLU C 56 -8.52 15.30 -13.86
C GLU C 56 -7.47 14.72 -14.79
N GLU C 57 -6.51 14.03 -14.20
CA GLU C 57 -5.49 13.30 -14.97
C GLU C 57 -6.18 12.18 -15.77
N ASP C 58 -5.71 11.92 -17.00
CA ASP C 58 -6.22 10.78 -17.79
C ASP C 58 -5.79 9.39 -17.23
N ARG C 59 -6.57 8.37 -17.60
N ARG C 59 -6.57 8.31 -17.44
CA ARG C 59 -6.15 6.97 -17.59
CA ARG C 59 -6.18 6.99 -16.86
C ARG C 59 -7.39 6.19 -17.97
C ARG C 59 -4.82 6.50 -17.41
N ALA D 1 11.45 -2.96 16.55
CA ALA D 1 9.99 -2.77 16.32
C ALA D 1 9.34 -2.27 17.62
N ARG D 2 8.39 -1.37 17.49
CA ARG D 2 7.65 -0.82 18.59
C ARG D 2 6.29 -1.54 18.59
N THR D 3 5.96 -2.20 19.70
CA THR D 3 4.77 -3.03 19.75
C THR D 3 3.93 -2.70 21.00
N M3L D 4 2.62 -2.97 20.94
CA M3L D 4 1.75 -2.98 22.12
CB M3L D 4 0.66 -1.92 22.03
CG M3L D 4 1.23 -0.52 21.88
CD M3L D 4 0.13 0.56 21.89
CE M3L D 4 -0.62 0.64 20.57
NZ M3L D 4 -1.69 1.69 20.44
C M3L D 4 1.07 -4.30 22.24
O M3L D 4 0.50 -4.77 21.29
CM1 M3L D 4 -2.66 1.65 21.55
CM2 M3L D 4 -2.42 1.40 19.20
CM3 M3L D 4 -1.08 3.05 20.39
N GLN D 5 1.08 -4.88 23.43
CA GLN D 5 0.45 -6.19 23.68
C GLN D 5 -1.09 -6.05 23.66
N THR D 6 -1.77 -7.09 23.23
CA THR D 6 -3.21 -7.20 23.45
C THR D 6 -3.45 -8.55 24.15
N ALA D 7 -4.70 -8.76 24.58
CA ALA D 7 -5.13 -10.10 25.04
C ALA D 7 -5.94 -10.83 23.95
N ARG D 8 -5.71 -10.49 22.67
CA ARG D 8 -6.35 -11.18 21.57
C ARG D 8 -5.48 -12.32 21.05
N LYS D 9 -6.14 -13.34 20.51
CA LYS D 9 -5.48 -14.49 19.89
C LYS D 9 -6.13 -14.78 18.49
N SER D 10 -5.35 -15.23 17.52
N SER D 10 -5.24 -15.21 17.58
CA SER D 10 -5.88 -15.64 16.21
CA SER D 10 -5.50 -15.88 16.30
C SER D 10 -6.60 -16.99 16.36
C SER D 10 -5.33 -14.97 15.08
ZN ZN E . 9.70 -13.22 -9.89
S SO4 F . -10.55 -11.44 -6.16
O1 SO4 F . -11.12 -10.22 -5.66
O2 SO4 F . -9.45 -11.19 -7.14
O3 SO4 F . -10.17 -12.25 -4.97
O4 SO4 F . -11.60 -12.16 -6.99
UNK UNX G . -6.46 -6.60 -1.82
UNK UNX H . -2.08 -8.33 -2.11
UNK UNX I . -4.99 -0.09 -3.39
UNK UNX J . -4.96 -9.29 -1.59
UNK UNX K . -9.47 3.36 -16.07
UNK UNX L . -1.62 -14.47 -4.35
UNK UNX M . 8.12 -21.35 -5.82
UNK UNX N . 14.62 1.29 -11.27
UNK UNX O . 1.41 2.84 -14.96
UNK UNX P . -1.35 2.70 -15.17
UNK UNX Q . -3.08 1.21 -16.79
ZN ZN R . 3.25 1.92 6.80
UNK UNX S . -7.80 2.66 3.41
UNK UNX T . 4.52 8.04 16.53
UNK UNX U . -4.26 -12.28 4.34
UNK UNX V . -5.41 6.05 9.42
UNK UNX W . -0.39 -14.98 9.75
UNK UNX X . -0.88 -19.50 18.65
UNK UNX Y . 6.88 -9.20 3.04
C1 EDO Z . 14.01 -10.15 19.38
O1 EDO Z . 12.68 -10.33 18.90
C2 EDO Z . 14.03 -9.79 20.86
O2 EDO Z . 13.04 -10.52 21.50
ZN ZN AA . -10.93 19.90 -5.97
UNK UNX BA . 5.41 8.06 -6.19
UNK UNX CA . -19.55 19.19 -9.00
UNK UNX DA . -15.33 19.37 -11.38
UNK UNX EA . 0.56 12.12 -15.78
UNK UNX FA . 2.80 -3.74 25.77
UNK UNX GA . -6.48 -3.90 21.80
#